data_3OYJ
#
_entry.id   3OYJ
#
_cell.length_a   160.170
_cell.length_b   160.170
_cell.length_c   123.700
_cell.angle_alpha   90.000
_cell.angle_beta   90.000
_cell.angle_gamma   90.000
#
_symmetry.space_group_name_H-M   'P 41 21 2'
#
loop_
_entity.id
_entity.type
_entity.pdbx_description
1 polymer 'PFV integrase'
2 polymer "DNA (5'-D(*AP*TP*TP*GP*TP*CP*AP*TP*GP*GP*AP*AP*TP*TP*TP*CP*GP*CP*A)-3')"
3 polymer "DNA (5'-D(*TP*GP*CP*GP*AP*AP*AP*TP*TP*CP*CP*AP*TP*GP*AP*CP*A)-3')"
4 non-polymer 'ZINC ION'
5 non-polymer 'SULFATE ION'
6 non-polymer GLYCEROL
7 non-polymer 'AMMONIUM ION'
8 non-polymer 'MAGNESIUM ION'
9 non-polymer "(6S)-2-(3-chloro-4-fluorobenzyl)-8-ethyl-10-hydroxy-N,6-dimethyl-1,9-dioxo-1,2,6,7,8,9-hexahydropyrazino[1',2':1,5]pyrrolo[2,3-d]pyridazine-4-carboxamide"
10 water water
#
loop_
_entity_poly.entity_id
_entity_poly.type
_entity_poly.pdbx_seq_one_letter_code
_entity_poly.pdbx_strand_id
1 'polypeptide(L)'
;GPGCNTKKPNLDAELDQLLQGHYIKGYPKQYTYFLEDGKVKVSRPEGVKIIPPQSDRQKIVLQAHNLAHTGREATLLKIA
NLYWWPNMRKDVVKQLGRCQQCLITNASNKASGPILRPDRPQKPFDKFFIDYIGPLPPSQGYLYVLVVVDGMTGFTWLYP
TKAPSTSATVKSLNVLTSIAIPKVIHSDQGAAFTSSTFAEWAKERGIHLEFSTPYHPQSQGKVERKNSDIKRLLTKLLVG
RPTKWYDLLPVVQLALNNTYSPVLKYTPHQLLFGIDSNTPFANQDTLDLTREEELSLLQEIRTSLYHPSTPPASSRSWSP
VVGQLVQERVARPASLRPRWHKPSTVLKVLNPRTVVILDHLGNNRTVSIDNLKPTSHQNGTTNDTATMDHLEKNE
;
A,B
2 'polydeoxyribonucleotide' (DA)(DT)(DT)(DG)(DT)(DC)(DA)(DT)(DG)(DG)(DA)(DA)(DT)(DT)(DT)(DC)(DG)(DC)(DA) C
3 'polydeoxyribonucleotide' (DT)(DG)(DC)(DG)(DA)(DA)(DA)(DT)(DT)(DC)(DC)(DA)(DT)(DG)(DA)(DC)(DA) D
#
loop_
_chem_comp.id
_chem_comp.type
_chem_comp.name
_chem_comp.formula
DA DNA linking 2'-DEOXYADENOSINE-5'-MONOPHOSPHATE 'C10 H14 N5 O6 P'
DC DNA linking 2'-DEOXYCYTIDINE-5'-MONOPHOSPHATE 'C9 H14 N3 O7 P'
DG DNA linking 2'-DEOXYGUANOSINE-5'-MONOPHOSPHATE 'C10 H14 N5 O7 P'
DT DNA linking THYMIDINE-5'-MONOPHOSPHATE 'C10 H15 N2 O8 P'
GOL non-polymer GLYCEROL 'C3 H8 O3'
MG non-polymer 'MAGNESIUM ION' 'Mg 2'
NH4 non-polymer 'AMMONIUM ION' 'H4 N 1'
SO4 non-polymer 'SULFATE ION' 'O4 S -2'
ZN non-polymer 'ZINC ION' 'Zn 2'
ZZX non-polymer (6S)-2-(3-chloro-4-fluorobenzyl)-8-ethyl-10-hydroxy-N,6-dimethyl-1,9-dioxo-1,2,6,7,8,9-hexahydropyrazino[1',2':1,5]pyrrolo[2,3-d]pyridazine-4-carboxamide 'C21 H21 Cl F N5 O4'
#
# COMPACT_ATOMS: atom_id res chain seq x y z
N LEU A 11 41.47 -25.21 -38.18
CA LEU A 11 40.98 -25.08 -39.58
C LEU A 11 41.53 -26.21 -40.49
N ASP A 12 41.79 -25.88 -41.76
CA ASP A 12 42.34 -26.82 -42.75
C ASP A 12 43.77 -27.29 -42.39
N ALA A 13 44.48 -26.47 -41.60
CA ALA A 13 45.77 -26.85 -41.03
C ALA A 13 45.64 -28.07 -40.10
N GLU A 14 44.74 -27.97 -39.12
CA GLU A 14 44.50 -29.02 -38.12
C GLU A 14 44.02 -30.34 -38.68
N LEU A 15 43.19 -30.26 -39.73
CA LEU A 15 42.63 -31.45 -40.34
C LEU A 15 43.62 -32.14 -41.30
N ASP A 16 44.69 -31.44 -41.67
CA ASP A 16 45.76 -32.09 -42.41
C ASP A 16 46.46 -33.06 -41.46
N GLN A 17 46.98 -32.55 -40.34
CA GLN A 17 47.60 -33.37 -39.28
C GLN A 17 46.81 -34.65 -38.97
N LEU A 18 45.51 -34.47 -38.76
CA LEU A 18 44.61 -35.56 -38.40
C LEU A 18 44.53 -36.65 -39.46
N LEU A 19 44.53 -36.26 -40.73
CA LEU A 19 44.34 -37.23 -41.82
C LEU A 19 45.50 -38.21 -41.96
N GLN A 20 46.72 -37.72 -41.78
CA GLN A 20 47.91 -38.57 -41.93
C GLN A 20 48.13 -39.53 -40.74
N GLY A 21 47.46 -39.27 -39.62
CA GLY A 21 47.43 -40.20 -38.49
C GLY A 21 48.00 -39.69 -37.18
N HIS A 22 48.40 -38.41 -37.15
CA HIS A 22 48.84 -37.75 -35.92
C HIS A 22 47.72 -37.71 -34.84
N TYR A 23 48.06 -37.27 -33.64
CA TYR A 23 47.06 -36.99 -32.59
C TYR A 23 46.87 -35.49 -32.35
N ILE A 24 45.61 -35.05 -32.35
CA ILE A 24 45.27 -33.66 -31.99
C ILE A 24 44.33 -33.67 -30.78
N LYS A 25 44.53 -32.71 -29.87
CA LYS A 25 43.75 -32.67 -28.64
C LYS A 25 42.26 -32.52 -28.89
N GLY A 26 41.49 -33.48 -28.36
CA GLY A 26 40.05 -33.46 -28.51
C GLY A 26 39.54 -34.48 -29.53
N TYR A 27 40.41 -34.96 -30.41
CA TYR A 27 40.01 -35.91 -31.43
C TYR A 27 40.45 -37.30 -31.03
N PRO A 28 39.55 -38.10 -30.44
CA PRO A 28 39.93 -39.41 -29.93
C PRO A 28 40.66 -40.26 -30.98
N LYS A 29 41.89 -40.66 -30.66
CA LYS A 29 42.81 -41.33 -31.61
C LYS A 29 42.28 -42.66 -32.17
N GLN A 30 41.33 -43.26 -31.45
CA GLN A 30 40.87 -44.63 -31.71
C GLN A 30 39.81 -44.80 -32.80
N TYR A 31 39.48 -43.74 -33.54
CA TYR A 31 38.53 -43.84 -34.66
C TYR A 31 39.23 -43.63 -36.00
N THR A 32 38.65 -44.14 -37.08
CA THR A 32 39.23 -43.96 -38.43
C THR A 32 38.75 -42.66 -39.17
N TYR A 33 39.69 -41.72 -39.33
CA TYR A 33 39.45 -40.40 -39.97
C TYR A 33 39.89 -40.34 -41.44
N PHE A 34 38.93 -40.26 -42.36
CA PHE A 34 39.27 -40.31 -43.77
C PHE A 34 38.83 -39.12 -44.64
N LEU A 35 39.29 -39.09 -45.88
CA LEU A 35 38.90 -38.04 -46.83
C LEU A 35 37.99 -38.65 -47.90
N GLU A 36 36.98 -37.88 -48.32
CA GLU A 36 35.94 -38.32 -49.24
C GLU A 36 35.19 -37.08 -49.71
N ASP A 37 34.99 -36.97 -51.02
CA ASP A 37 34.40 -35.78 -51.67
C ASP A 37 35.03 -34.48 -51.18
N GLY A 38 36.33 -34.52 -50.88
CA GLY A 38 37.05 -33.33 -50.40
C GLY A 38 36.72 -32.90 -48.98
N LYS A 39 36.03 -33.77 -48.25
CA LYS A 39 35.63 -33.48 -46.88
C LYS A 39 36.18 -34.55 -45.94
N VAL A 40 36.70 -34.11 -44.80
CA VAL A 40 37.21 -35.02 -43.77
C VAL A 40 36.03 -35.68 -43.07
N LYS A 41 36.07 -36.99 -42.92
CA LYS A 41 34.97 -37.70 -42.26
C LYS A 41 35.49 -38.62 -41.16
N VAL A 42 34.59 -39.09 -40.30
CA VAL A 42 34.95 -40.04 -39.26
C VAL A 42 33.85 -41.09 -39.07
N SER A 43 34.27 -42.30 -38.73
CA SER A 43 33.35 -43.42 -38.57
C SER A 43 32.94 -43.50 -37.10
N ARG A 44 31.77 -42.94 -36.81
CA ARG A 44 31.30 -42.87 -35.45
C ARG A 44 30.27 -43.95 -35.20
N PRO A 45 30.09 -44.34 -33.92
CA PRO A 45 29.15 -45.44 -33.65
C PRO A 45 27.78 -45.23 -34.33
N GLU A 46 27.33 -43.97 -34.44
CA GLU A 46 26.02 -43.62 -35.00
C GLU A 46 26.06 -43.61 -36.54
N GLY A 47 27.27 -43.51 -37.08
CA GLY A 47 27.48 -43.44 -38.51
C GLY A 47 28.61 -42.50 -38.92
N VAL A 48 28.79 -42.36 -40.22
CA VAL A 48 29.80 -41.45 -40.74
C VAL A 48 29.30 -40.02 -40.59
N LYS A 49 30.15 -39.16 -40.06
CA LYS A 49 29.84 -37.75 -39.95
C LYS A 49 31.01 -36.92 -40.52
N ILE A 50 30.70 -35.75 -41.04
CA ILE A 50 31.69 -34.83 -41.58
C ILE A 50 32.30 -34.00 -40.44
N ILE A 51 33.62 -33.84 -40.44
CA ILE A 51 34.25 -32.92 -39.51
C ILE A 51 34.52 -31.61 -40.22
N PRO A 52 33.64 -30.63 -40.06
CA PRO A 52 33.93 -29.36 -40.67
C PRO A 52 35.20 -28.73 -40.08
N PRO A 53 35.93 -27.93 -40.89
CA PRO A 53 37.04 -27.14 -40.37
C PRO A 53 36.58 -26.21 -39.27
N GLN A 54 37.44 -25.94 -38.30
CA GLN A 54 37.10 -25.00 -37.24
C GLN A 54 36.53 -23.65 -37.71
N SER A 55 36.98 -23.12 -38.84
CA SER A 55 36.51 -21.78 -39.24
C SER A 55 35.17 -21.86 -39.94
N ASP A 56 34.63 -23.07 -40.02
CA ASP A 56 33.33 -23.32 -40.60
C ASP A 56 32.22 -23.47 -39.54
N ARG A 57 32.65 -23.72 -38.31
CA ARG A 57 31.77 -24.28 -37.29
C ARG A 57 30.70 -23.33 -36.76
N GLN A 58 31.08 -22.08 -36.54
CA GLN A 58 30.15 -21.04 -36.17
C GLN A 58 28.97 -20.94 -37.13
N LYS A 59 29.25 -20.81 -38.42
CA LYS A 59 28.21 -20.67 -39.47
C LYS A 59 27.26 -21.85 -39.49
N ILE A 60 27.77 -23.01 -39.06
CA ILE A 60 26.99 -24.24 -39.07
C ILE A 60 26.02 -24.22 -37.89
N VAL A 61 26.53 -23.80 -36.73
CA VAL A 61 25.73 -23.74 -35.52
C VAL A 61 24.65 -22.70 -35.68
N LEU A 62 25.00 -21.57 -36.26
CA LEU A 62 24.04 -20.54 -36.53
C LEU A 62 22.91 -21.02 -37.46
N GLN A 63 23.27 -21.71 -38.55
CA GLN A 63 22.27 -22.17 -39.49
C GLN A 63 21.29 -23.13 -38.83
N ALA A 64 21.83 -24.02 -38.01
CA ALA A 64 21.01 -24.97 -37.29
C ALA A 64 20.09 -24.23 -36.31
N HIS A 65 20.65 -23.39 -35.44
CA HIS A 65 19.84 -22.64 -34.49
C HIS A 65 18.72 -21.87 -35.14
N ASN A 66 18.99 -21.27 -36.30
CA ASN A 66 18.03 -20.35 -36.89
C ASN A 66 16.80 -20.98 -37.52
N LEU A 67 16.86 -22.27 -37.77
CA LEU A 67 15.72 -22.96 -38.35
C LEU A 67 14.46 -22.68 -37.57
N ALA A 68 14.50 -22.85 -36.24
CA ALA A 68 13.35 -22.58 -35.37
C ALA A 68 13.69 -21.85 -34.08
N HIS A 69 14.90 -21.30 -34.02
CA HIS A 69 15.44 -20.67 -32.81
C HIS A 69 15.42 -21.57 -31.59
N THR A 70 15.83 -22.80 -31.81
CA THR A 70 15.86 -23.86 -30.81
C THR A 70 16.94 -23.68 -29.75
N GLY A 71 16.72 -24.27 -28.59
CA GLY A 71 17.71 -24.26 -27.51
C GLY A 71 18.76 -25.35 -27.71
N ARG A 72 19.44 -25.73 -26.63
CA ARG A 72 20.67 -26.52 -26.73
C ARG A 72 20.51 -27.85 -27.42
N GLU A 73 19.64 -28.72 -26.89
CA GLU A 73 19.52 -30.07 -27.38
C GLU A 73 18.80 -30.12 -28.73
N ALA A 74 17.76 -29.34 -28.91
CA ALA A 74 17.12 -29.36 -30.24
C ALA A 74 18.07 -28.87 -31.34
N THR A 75 18.91 -27.89 -31.02
CA THR A 75 19.94 -27.45 -31.96
C THR A 75 20.95 -28.58 -32.19
N LEU A 76 21.51 -29.11 -31.10
CA LEU A 76 22.49 -30.17 -31.22
C LEU A 76 22.01 -31.31 -32.10
N LEU A 77 20.76 -31.72 -31.91
CA LEU A 77 20.28 -32.90 -32.63
C LEU A 77 20.26 -32.70 -34.13
N LYS A 78 19.96 -31.48 -34.60
CA LYS A 78 20.06 -31.16 -36.01
C LYS A 78 21.50 -31.28 -36.46
N ILE A 79 22.39 -30.56 -35.79
CA ILE A 79 23.79 -30.56 -36.20
C ILE A 79 24.35 -31.97 -36.27
N ALA A 80 24.04 -32.79 -35.26
CA ALA A 80 24.61 -34.13 -35.17
C ALA A 80 24.11 -35.02 -36.27
N ASN A 81 23.16 -34.55 -37.06
CA ASN A 81 22.69 -35.33 -38.19
C ASN A 81 23.69 -35.47 -39.33
N LEU A 82 24.55 -34.47 -39.46
CA LEU A 82 25.53 -34.41 -40.54
C LEU A 82 26.95 -34.35 -40.00
N TYR A 83 27.14 -33.74 -38.84
CA TYR A 83 28.50 -33.45 -38.40
C TYR A 83 28.93 -34.08 -37.09
N TRP A 84 30.23 -34.17 -36.92
CA TRP A 84 30.82 -34.37 -35.63
C TRP A 84 32.01 -33.44 -35.51
N TRP A 85 32.22 -32.88 -34.32
CA TRP A 85 33.52 -32.33 -33.94
C TRP A 85 33.73 -32.43 -32.41
N PRO A 86 34.88 -31.96 -31.89
CA PRO A 86 34.99 -32.06 -30.44
C PRO A 86 34.26 -30.93 -29.78
N ASN A 87 33.48 -31.26 -28.74
CA ASN A 87 32.77 -30.30 -27.89
C ASN A 87 31.77 -29.44 -28.63
N MET A 88 30.79 -30.11 -29.24
CA MET A 88 29.80 -29.42 -30.03
C MET A 88 28.93 -28.49 -29.20
N ARG A 89 28.43 -29.01 -28.08
CA ARG A 89 27.53 -28.23 -27.21
C ARG A 89 28.18 -26.96 -26.69
N LYS A 90 29.50 -26.97 -26.51
CA LYS A 90 30.17 -25.71 -26.14
C LYS A 90 29.94 -24.65 -27.21
N ASP A 91 30.04 -25.04 -28.48
CA ASP A 91 29.83 -24.11 -29.57
C ASP A 91 28.38 -23.77 -29.74
N VAL A 92 27.51 -24.73 -29.43
CA VAL A 92 26.07 -24.53 -29.44
C VAL A 92 25.68 -23.48 -28.41
N VAL A 93 26.12 -23.69 -27.18
CA VAL A 93 25.81 -22.78 -26.09
C VAL A 93 26.34 -21.36 -26.33
N LYS A 94 27.53 -21.28 -26.93
CA LYS A 94 28.17 -20.01 -27.18
C LYS A 94 27.27 -19.16 -28.10
N GLN A 95 26.63 -19.81 -29.07
CA GLN A 95 25.73 -19.10 -29.96
C GLN A 95 24.43 -18.70 -29.28
N LEU A 96 23.87 -19.63 -28.48
CA LEU A 96 22.59 -19.39 -27.84
C LEU A 96 22.70 -18.17 -26.96
N GLY A 97 23.82 -18.02 -26.27
CA GLY A 97 24.06 -16.86 -25.43
C GLY A 97 24.27 -15.57 -26.19
N ARG A 98 24.40 -15.64 -27.52
CA ARG A 98 24.55 -14.43 -28.36
C ARG A 98 23.34 -14.15 -29.23
N CYS A 99 22.30 -15.02 -29.18
CA CYS A 99 21.07 -14.78 -29.93
C CYS A 99 20.13 -13.80 -29.20
N GLN A 100 20.10 -12.57 -29.67
CA GLN A 100 19.32 -11.53 -29.03
C GLN A 100 17.84 -11.92 -28.97
N GLN A 101 17.31 -12.45 -30.06
CA GLN A 101 15.89 -12.84 -30.10
C GLN A 101 15.54 -13.93 -29.09
N CYS A 102 16.41 -14.93 -28.98
CA CYS A 102 16.18 -15.97 -27.99
C CYS A 102 16.22 -15.44 -26.56
N LEU A 103 17.17 -14.54 -26.27
CA LEU A 103 17.40 -14.10 -24.90
C LEU A 103 16.24 -13.26 -24.39
N ILE A 104 15.62 -12.50 -25.28
CA ILE A 104 14.53 -11.60 -24.91
C ILE A 104 13.12 -12.20 -25.10
N THR A 105 13.02 -13.32 -25.82
CA THR A 105 11.73 -13.97 -26.01
C THR A 105 11.48 -15.17 -25.11
N ASN A 106 12.46 -16.06 -24.97
CA ASN A 106 12.27 -17.30 -24.20
C ASN A 106 11.85 -17.04 -22.77
N ALA A 107 11.21 -18.03 -22.15
CA ALA A 107 10.80 -17.94 -20.77
C ALA A 107 12.00 -18.26 -19.88
N SER A 108 11.92 -17.84 -18.62
CA SER A 108 12.85 -18.28 -17.61
C SER A 108 12.45 -19.66 -17.14
N ASN A 109 13.37 -20.38 -16.55
CA ASN A 109 13.03 -21.66 -15.96
C ASN A 109 13.74 -21.81 -14.59
N LYS A 110 13.95 -20.67 -13.94
CA LYS A 110 14.43 -20.64 -12.57
C LYS A 110 13.50 -19.75 -11.72
N ALA A 111 13.15 -20.25 -10.54
CA ALA A 111 12.19 -19.55 -9.69
C ALA A 111 12.92 -18.51 -8.87
N SER A 112 12.24 -17.44 -8.48
CA SER A 112 12.76 -16.53 -7.47
C SER A 112 13.02 -17.22 -6.15
N GLY A 113 13.86 -16.62 -5.32
CA GLY A 113 14.06 -17.06 -3.95
C GLY A 113 12.79 -16.88 -3.15
N PRO A 114 12.72 -17.50 -1.97
CA PRO A 114 11.51 -17.42 -1.16
C PRO A 114 11.28 -15.98 -0.66
N ILE A 115 9.99 -15.57 -0.64
CA ILE A 115 9.55 -14.24 -0.22
C ILE A 115 10.05 -13.81 1.18
N LEU A 116 10.16 -12.51 1.37
CA LEU A 116 10.46 -12.00 2.69
C LEU A 116 9.16 -11.73 3.45
N ARG A 117 9.20 -11.83 4.76
CA ARG A 117 8.06 -11.41 5.53
C ARG A 117 8.56 -10.27 6.41
N PRO A 118 8.39 -9.02 5.96
CA PRO A 118 8.86 -7.85 6.72
C PRO A 118 8.26 -7.76 8.12
N ASP A 119 8.92 -7.08 9.03
CA ASP A 119 8.33 -6.95 10.37
C ASP A 119 7.08 -6.10 10.30
N ARG A 120 6.07 -6.45 11.09
CA ARG A 120 4.89 -5.61 11.21
C ARG A 120 5.35 -4.25 11.69
N PRO A 121 4.80 -3.18 11.11
CA PRO A 121 5.03 -1.88 11.70
C PRO A 121 4.71 -1.96 13.19
N GLN A 122 5.52 -1.34 14.02
CA GLN A 122 5.38 -1.41 15.49
C GLN A 122 4.17 -0.70 16.11
N LYS A 123 3.70 0.36 15.47
CA LYS A 123 2.65 1.21 16.01
C LYS A 123 1.65 1.59 14.94
N PRO A 124 0.38 1.82 15.34
CA PRO A 124 -0.53 2.49 14.42
C PRO A 124 0.13 3.76 13.93
N PHE A 125 -0.19 4.14 12.70
CA PHE A 125 0.35 5.33 12.07
C PHE A 125 1.85 5.36 11.73
N ASP A 126 2.59 4.28 12.02
CA ASP A 126 3.97 4.17 11.52
C ASP A 126 3.98 4.07 10.00
N LYS A 127 3.13 3.18 9.48
CA LYS A 127 3.08 2.97 8.02
C LYS A 127 1.67 2.75 7.52
N PHE A 128 1.31 3.52 6.50
CA PHE A 128 0.07 3.33 5.75
C PHE A 128 0.37 2.68 4.40
N PHE A 129 -0.41 1.67 4.01
CA PHE A 129 -0.36 1.15 2.64
C PHE A 129 -1.60 1.64 1.92
N ILE A 130 -1.44 2.16 0.71
CA ILE A 130 -2.62 2.69 -0.01
C ILE A 130 -2.65 2.27 -1.47
N ASP A 131 -3.85 2.19 -2.05
CA ASP A 131 -4.01 1.60 -3.38
C ASP A 131 -5.42 1.85 -3.87
N TYR A 132 -5.58 1.88 -5.19
CA TYR A 132 -6.89 2.05 -5.80
C TYR A 132 -7.46 0.73 -6.23
N ILE A 133 -8.78 0.65 -6.17
CA ILE A 133 -9.57 -0.45 -6.72
C ILE A 133 -10.48 0.16 -7.78
N GLY A 134 -10.59 -0.54 -8.92
CA GLY A 134 -11.49 -0.15 -10.00
C GLY A 134 -10.83 -0.16 -11.38
N PRO A 135 -11.56 0.34 -12.40
CA PRO A 135 -12.92 0.88 -12.24
C PRO A 135 -13.94 -0.20 -11.90
N LEU A 136 -14.87 0.14 -11.03
CA LEU A 136 -16.05 -0.68 -10.73
C LEU A 136 -17.22 -0.11 -11.51
N PRO A 137 -18.41 -0.75 -11.43
CA PRO A 137 -19.53 -0.17 -12.18
C PRO A 137 -19.90 1.15 -11.57
N PRO A 138 -20.36 2.12 -12.39
CA PRO A 138 -20.73 3.42 -11.84
C PRO A 138 -21.72 3.27 -10.70
N SER A 139 -21.43 3.96 -9.60
CA SER A 139 -22.45 4.20 -8.57
C SER A 139 -22.34 5.64 -8.13
N GLN A 140 -23.49 6.33 -8.06
CA GLN A 140 -23.56 7.78 -7.79
C GLN A 140 -22.47 8.49 -8.56
N GLY A 141 -22.17 8.01 -9.75
CA GLY A 141 -21.11 8.60 -10.57
C GLY A 141 -19.68 8.46 -10.03
N TYR A 142 -19.48 7.50 -9.13
CA TYR A 142 -18.15 7.17 -8.67
C TYR A 142 -17.70 5.89 -9.31
N LEU A 143 -16.40 5.75 -9.48
CA LEU A 143 -15.86 4.63 -10.24
C LEU A 143 -14.77 3.83 -9.51
N TYR A 144 -14.11 4.45 -8.53
CA TYR A 144 -12.99 3.79 -7.85
C TYR A 144 -13.10 3.83 -6.34
N VAL A 145 -12.35 2.97 -5.64
CA VAL A 145 -12.13 3.18 -4.22
C VAL A 145 -10.69 3.51 -3.91
N LEU A 146 -10.46 4.56 -3.13
CA LEU A 146 -9.18 4.68 -2.43
C LEU A 146 -9.25 3.85 -1.14
N VAL A 147 -8.27 2.97 -0.98
CA VAL A 147 -8.15 2.09 0.17
C VAL A 147 -6.85 2.42 0.89
N VAL A 148 -7.00 2.77 2.16
CA VAL A 148 -5.87 3.04 3.05
C VAL A 148 -5.87 2.02 4.20
N VAL A 149 -4.74 1.36 4.42
CA VAL A 149 -4.64 0.32 5.43
C VAL A 149 -3.46 0.62 6.33
N ASP A 150 -3.72 0.78 7.62
CA ASP A 150 -2.64 0.97 8.57
C ASP A 150 -1.91 -0.36 8.76
N GLY A 151 -0.59 -0.31 8.72
CA GLY A 151 0.23 -1.50 8.69
C GLY A 151 0.23 -2.29 9.98
N MET A 152 0.18 -1.61 11.11
CA MET A 152 0.24 -2.32 12.38
C MET A 152 -1.10 -2.97 12.70
N THR A 153 -2.20 -2.27 12.46
CA THR A 153 -3.50 -2.70 12.98
C THR A 153 -4.33 -3.44 11.96
N GLY A 154 -4.20 -3.06 10.69
CA GLY A 154 -5.04 -3.58 9.63
C GLY A 154 -6.25 -2.68 9.47
N PHE A 155 -6.38 -1.71 10.37
CA PHE A 155 -7.50 -0.77 10.30
C PHE A 155 -7.52 -0.04 8.96
N THR A 156 -8.70 0.08 8.36
CA THR A 156 -8.81 0.46 6.97
C THR A 156 -9.81 1.58 6.75
N TRP A 157 -9.42 2.54 5.92
CA TRP A 157 -10.30 3.64 5.52
C TRP A 157 -10.64 3.48 4.05
N LEU A 158 -11.91 3.74 3.71
CA LEU A 158 -12.38 3.62 2.34
C LEU A 158 -12.95 4.94 1.83
N TYR A 159 -12.54 5.38 0.65
CA TYR A 159 -13.04 6.62 0.04
C TYR A 159 -13.41 6.36 -1.43
N PRO A 160 -14.66 6.69 -1.82
CA PRO A 160 -15.10 6.60 -3.23
C PRO A 160 -14.50 7.73 -4.06
N THR A 161 -14.01 7.44 -5.25
CA THR A 161 -13.55 8.49 -6.15
C THR A 161 -14.07 8.26 -7.57
N LYS A 162 -14.05 9.35 -8.35
CA LYS A 162 -14.41 9.31 -9.76
C LYS A 162 -13.20 8.95 -10.61
N ALA A 163 -12.01 9.02 -10.00
CA ALA A 163 -10.77 8.80 -10.74
C ALA A 163 -9.63 8.44 -9.78
N PRO A 164 -8.69 7.60 -10.23
CA PRO A 164 -7.60 7.29 -9.35
C PRO A 164 -6.55 8.40 -9.48
N SER A 165 -6.94 9.60 -9.08
CA SER A 165 -6.14 10.82 -9.29
C SER A 165 -5.48 11.34 -8.01
N THR A 166 -4.35 12.04 -8.18
CA THR A 166 -3.74 12.75 -7.07
C THR A 166 -4.78 13.64 -6.44
N SER A 167 -5.46 14.44 -7.24
CA SER A 167 -6.37 15.40 -6.66
C SER A 167 -7.36 14.71 -5.73
N ALA A 168 -7.94 13.58 -6.14
CA ALA A 168 -8.88 12.85 -5.27
C ALA A 168 -8.18 12.25 -4.04
N THR A 169 -6.96 11.78 -4.23
CA THR A 169 -6.16 11.19 -3.16
C THR A 169 -5.87 12.21 -2.08
N VAL A 170 -5.56 13.44 -2.51
CA VAL A 170 -5.26 14.52 -1.58
C VAL A 170 -6.52 14.90 -0.80
N LYS A 171 -7.64 15.09 -1.49
CA LYS A 171 -8.92 15.34 -0.81
C LYS A 171 -9.20 14.29 0.26
N SER A 172 -8.92 13.03 -0.06
CA SER A 172 -9.26 11.93 0.83
C SER A 172 -8.34 11.89 2.04
N LEU A 173 -7.03 11.96 1.79
CA LEU A 173 -6.05 11.91 2.87
C LEU A 173 -6.14 13.13 3.80
N ASN A 174 -6.61 14.26 3.26
CA ASN A 174 -6.84 15.44 4.08
C ASN A 174 -7.89 15.15 5.13
N VAL A 175 -8.87 14.31 4.79
CA VAL A 175 -9.89 13.95 5.76
C VAL A 175 -9.35 12.95 6.77
N LEU A 176 -8.66 11.93 6.29
CA LEU A 176 -8.15 10.91 7.18
C LEU A 176 -7.12 11.50 8.14
N THR A 177 -6.17 12.31 7.62
CA THR A 177 -5.07 12.87 8.43
C THR A 177 -5.55 13.85 9.49
N SER A 178 -6.78 14.33 9.38
CA SER A 178 -7.47 14.94 10.54
C SER A 178 -7.32 14.14 11.84
N ILE A 179 -7.41 12.81 11.76
CA ILE A 179 -7.31 11.95 12.92
C ILE A 179 -5.85 11.86 13.39
N ALA A 180 -4.94 11.60 12.45
CA ALA A 180 -3.55 11.42 12.79
C ALA A 180 -2.69 11.48 11.53
N ILE A 181 -1.44 11.90 11.69
CA ILE A 181 -0.50 11.94 10.57
C ILE A 181 0.42 10.72 10.69
N PRO A 182 0.58 9.95 9.59
CA PRO A 182 1.44 8.76 9.62
C PRO A 182 2.90 9.10 9.32
N LYS A 183 3.83 8.27 9.78
CA LYS A 183 5.24 8.52 9.48
C LYS A 183 5.50 8.40 7.97
N VAL A 184 5.08 7.25 7.43
CA VAL A 184 5.30 6.83 6.06
C VAL A 184 3.95 6.41 5.45
N ILE A 185 3.79 6.71 4.16
CA ILE A 185 2.75 6.16 3.32
C ILE A 185 3.43 5.34 2.22
N HIS A 186 3.02 4.09 2.06
CA HIS A 186 3.58 3.20 1.05
C HIS A 186 2.58 3.03 -0.06
N SER A 187 3.03 3.17 -1.29
CA SER A 187 2.18 2.92 -2.43
C SER A 187 2.87 2.14 -3.55
N ASP A 188 2.11 1.88 -4.62
CA ASP A 188 2.67 1.33 -5.85
C ASP A 188 2.88 2.54 -6.74
N GLN A 189 3.40 2.35 -7.95
CA GLN A 189 3.82 3.49 -8.76
C GLN A 189 2.75 4.05 -9.68
N GLY A 190 1.49 3.84 -9.31
CA GLY A 190 0.37 4.45 -10.05
C GLY A 190 0.55 5.95 -10.17
N ALA A 191 0.09 6.52 -11.28
CA ALA A 191 0.22 7.95 -11.54
C ALA A 191 -0.13 8.86 -10.35
N ALA A 192 -1.22 8.55 -9.63
CA ALA A 192 -1.68 9.36 -8.49
C ALA A 192 -0.64 9.53 -7.38
N PHE A 193 0.19 8.52 -7.16
CA PHE A 193 1.08 8.54 -6.01
C PHE A 193 2.49 9.06 -6.32
N THR A 194 2.83 9.10 -7.60
CA THR A 194 4.19 9.45 -8.07
C THR A 194 4.26 10.89 -8.60
N SER A 195 3.11 11.55 -8.67
CA SER A 195 3.04 12.94 -9.12
C SER A 195 3.76 13.76 -8.08
N SER A 196 4.27 14.90 -8.52
CA SER A 196 4.99 15.79 -7.61
C SER A 196 3.99 16.57 -6.76
N THR A 197 2.76 16.77 -7.27
CA THR A 197 1.70 17.37 -6.45
C THR A 197 1.51 16.58 -5.16
N PHE A 198 1.42 15.27 -5.30
CA PHE A 198 1.41 14.39 -4.15
C PHE A 198 2.66 14.51 -3.28
N ALA A 199 3.84 14.48 -3.90
CA ALA A 199 5.11 14.51 -3.13
C ALA A 199 5.21 15.77 -2.25
N GLU A 200 4.74 16.89 -2.79
CA GLU A 200 4.70 18.16 -2.09
C GLU A 200 3.80 18.01 -0.89
N TRP A 201 2.59 17.49 -1.13
CA TRP A 201 1.59 17.29 -0.07
C TRP A 201 2.18 16.47 1.09
N ALA A 202 2.96 15.46 0.75
CA ALA A 202 3.56 14.60 1.74
C ALA A 202 4.62 15.35 2.54
N LYS A 203 5.39 16.15 1.84
CA LYS A 203 6.54 16.82 2.43
C LYS A 203 6.05 17.92 3.37
N GLU A 204 5.01 18.61 2.94
CA GLU A 204 4.34 19.62 3.72
C GLU A 204 4.10 19.13 5.12
N ARG A 205 3.82 17.83 5.26
CA ARG A 205 3.36 17.27 6.54
C ARG A 205 4.34 16.28 7.15
N GLY A 206 5.53 16.21 6.58
CA GLY A 206 6.61 15.40 7.12
C GLY A 206 6.29 13.92 7.01
N ILE A 207 5.42 13.56 6.06
CA ILE A 207 5.15 12.16 5.74
C ILE A 207 6.18 11.73 4.68
N HIS A 208 6.78 10.56 4.89
CA HIS A 208 7.74 10.00 3.95
C HIS A 208 7.03 9.07 2.94
N LEU A 209 7.26 9.27 1.64
CA LEU A 209 6.65 8.41 0.64
C LEU A 209 7.58 7.28 0.32
N GLU A 210 7.04 6.08 0.22
CA GLU A 210 7.80 4.89 -0.06
C GLU A 210 7.07 4.23 -1.21
N PHE A 211 7.82 3.77 -2.20
CA PHE A 211 7.20 3.16 -3.37
C PHE A 211 7.62 1.72 -3.54
N SER A 212 6.68 0.88 -3.99
CA SER A 212 6.94 -0.52 -4.36
C SER A 212 7.81 -0.52 -5.60
N THR A 213 8.55 -1.61 -5.79
CA THR A 213 9.17 -1.81 -7.08
C THR A 213 8.04 -1.94 -8.11
N PRO A 214 8.27 -1.50 -9.36
CA PRO A 214 7.17 -1.46 -10.32
C PRO A 214 6.53 -2.84 -10.59
N TYR A 215 5.22 -2.81 -10.82
CA TYR A 215 4.49 -4.01 -11.24
C TYR A 215 4.75 -5.20 -10.35
N HIS A 216 4.68 -4.95 -9.04
CA HIS A 216 4.90 -5.98 -8.02
C HIS A 216 3.99 -5.71 -6.82
N PRO A 217 2.69 -5.98 -7.00
CA PRO A 217 1.70 -5.71 -5.97
C PRO A 217 1.92 -6.51 -4.69
N GLN A 218 2.65 -7.63 -4.71
CA GLN A 218 2.98 -8.31 -3.45
C GLN A 218 3.62 -7.39 -2.42
N SER A 219 4.39 -6.41 -2.90
CA SER A 219 5.17 -5.55 -2.03
C SER A 219 4.23 -4.78 -1.10
N GLN A 220 3.00 -4.61 -1.55
CA GLN A 220 1.94 -3.90 -0.86
C GLN A 220 0.93 -4.91 -0.33
N GLY A 221 1.41 -6.09 0.05
CA GLY A 221 0.52 -7.23 0.28
C GLY A 221 -0.65 -7.00 1.24
N LYS A 222 -0.40 -6.26 2.31
CA LYS A 222 -1.43 -5.87 3.25
C LYS A 222 -2.62 -5.16 2.58
N VAL A 223 -2.38 -4.15 1.77
CA VAL A 223 -3.51 -3.41 1.21
C VAL A 223 -4.17 -4.25 0.12
N GLU A 224 -3.35 -4.97 -0.65
CA GLU A 224 -3.87 -5.72 -1.79
C GLU A 224 -4.84 -6.76 -1.23
N ARG A 225 -4.45 -7.37 -0.11
CA ARG A 225 -5.25 -8.41 0.52
C ARG A 225 -6.52 -7.88 1.15
N LYS A 226 -6.47 -6.64 1.64
CA LYS A 226 -7.69 -5.97 2.09
C LYS A 226 -8.64 -5.69 0.91
N ASN A 227 -8.10 -5.29 -0.26
CA ASN A 227 -8.94 -5.08 -1.45
C ASN A 227 -9.81 -6.31 -1.73
N SER A 228 -9.21 -7.49 -1.65
CA SER A 228 -9.94 -8.74 -1.82
C SER A 228 -11.13 -8.80 -0.86
N ASP A 229 -10.91 -8.67 0.45
CA ASP A 229 -12.01 -8.71 1.41
C ASP A 229 -13.07 -7.64 1.11
N ILE A 230 -12.63 -6.46 0.70
CA ILE A 230 -13.55 -5.38 0.39
C ILE A 230 -14.46 -5.84 -0.75
N LYS A 231 -13.87 -6.35 -1.84
CA LYS A 231 -14.68 -6.81 -2.96
C LYS A 231 -15.54 -8.01 -2.56
N ARG A 232 -15.02 -8.89 -1.72
CA ARG A 232 -15.75 -10.09 -1.36
C ARG A 232 -17.04 -9.73 -0.61
N LEU A 233 -16.93 -8.82 0.37
CA LEU A 233 -18.10 -8.39 1.15
C LEU A 233 -19.06 -7.62 0.26
N LEU A 234 -18.54 -6.64 -0.50
CA LEU A 234 -19.41 -5.93 -1.43
C LEU A 234 -20.19 -6.91 -2.33
N THR A 235 -19.51 -7.93 -2.82
CA THR A 235 -20.15 -8.94 -3.68
C THR A 235 -21.32 -9.62 -2.96
N LYS A 236 -21.08 -10.10 -1.74
CA LYS A 236 -22.10 -10.84 -1.00
C LYS A 236 -23.33 -9.95 -0.76
N LEU A 237 -23.07 -8.68 -0.46
CA LEU A 237 -24.12 -7.76 -0.09
C LEU A 237 -24.95 -7.36 -1.30
N LEU A 238 -24.38 -7.52 -2.50
CA LEU A 238 -25.04 -7.05 -3.71
C LEU A 238 -25.77 -8.16 -4.50
N VAL A 239 -25.63 -9.40 -4.03
CA VAL A 239 -26.26 -10.56 -4.66
C VAL A 239 -27.75 -10.30 -4.91
N GLY A 240 -28.13 -10.40 -6.17
CA GLY A 240 -29.53 -10.25 -6.55
C GLY A 240 -30.05 -8.83 -6.49
N ARG A 241 -29.17 -7.85 -6.36
CA ARG A 241 -29.56 -6.45 -6.53
C ARG A 241 -28.64 -5.82 -7.56
N PRO A 242 -29.03 -4.63 -8.07
CA PRO A 242 -28.09 -3.90 -8.90
C PRO A 242 -26.87 -3.49 -8.07
N THR A 243 -25.73 -3.31 -8.74
CA THR A 243 -24.47 -3.10 -8.03
C THR A 243 -24.26 -1.65 -7.58
N LYS A 244 -25.14 -1.17 -6.71
CA LYS A 244 -25.04 0.19 -6.16
C LYS A 244 -24.19 0.17 -4.87
N TRP A 245 -22.88 0.30 -5.03
CA TRP A 245 -21.93 0.09 -3.92
C TRP A 245 -21.59 1.31 -3.08
N TYR A 246 -21.78 2.49 -3.64
CA TYR A 246 -21.39 3.73 -2.99
C TYR A 246 -21.94 3.82 -1.56
N ASP A 247 -23.24 3.59 -1.43
CA ASP A 247 -23.90 3.64 -0.14
C ASP A 247 -23.41 2.55 0.82
N LEU A 248 -22.84 1.47 0.29
CA LEU A 248 -22.36 0.39 1.14
C LEU A 248 -20.90 0.58 1.64
N LEU A 249 -20.12 1.46 1.02
CA LEU A 249 -18.74 1.61 1.43
C LEU A 249 -18.56 1.78 2.95
N PRO A 250 -19.32 2.72 3.58
CA PRO A 250 -19.14 2.88 5.03
C PRO A 250 -19.50 1.62 5.82
N VAL A 251 -20.51 0.89 5.37
CA VAL A 251 -20.89 -0.34 6.01
C VAL A 251 -19.74 -1.35 5.95
N VAL A 252 -19.16 -1.50 4.76
CA VAL A 252 -18.06 -2.43 4.56
C VAL A 252 -16.89 -2.02 5.46
N GLN A 253 -16.53 -0.74 5.42
CA GLN A 253 -15.46 -0.22 6.30
C GLN A 253 -15.64 -0.68 7.73
N LEU A 254 -16.81 -0.42 8.31
CA LEU A 254 -17.06 -0.75 9.69
C LEU A 254 -17.06 -2.27 9.90
N ALA A 255 -17.65 -3.00 8.96
CA ALA A 255 -17.74 -4.45 9.11
C ALA A 255 -16.38 -5.06 9.21
N LEU A 256 -15.51 -4.72 8.24
CA LEU A 256 -14.18 -5.32 8.19
C LEU A 256 -13.32 -4.93 9.39
N ASN A 257 -13.31 -3.65 9.75
CA ASN A 257 -12.50 -3.15 10.88
C ASN A 257 -12.88 -3.83 12.18
N ASN A 258 -14.08 -4.39 12.22
CA ASN A 258 -14.54 -5.05 13.42
C ASN A 258 -14.62 -6.58 13.28
N THR A 259 -14.06 -7.13 12.20
CA THR A 259 -13.95 -8.58 11.99
C THR A 259 -12.65 -9.17 12.56
N TYR A 260 -12.76 -10.32 13.23
CA TYR A 260 -11.61 -11.01 13.81
C TYR A 260 -10.75 -11.67 12.76
N SER A 261 -9.44 -11.54 12.92
CA SER A 261 -8.51 -12.42 12.22
C SER A 261 -8.33 -13.65 13.12
N PRO A 262 -8.78 -14.83 12.66
CA PRO A 262 -8.59 -16.01 13.51
C PRO A 262 -7.14 -16.29 13.96
N VAL A 263 -6.13 -15.99 13.13
CA VAL A 263 -4.75 -16.22 13.58
C VAL A 263 -4.32 -15.27 14.71
N LEU A 264 -4.82 -14.03 14.66
CA LEU A 264 -4.42 -13.02 15.61
C LEU A 264 -5.34 -12.99 16.82
N LYS A 265 -6.60 -13.42 16.65
CA LYS A 265 -7.63 -13.28 17.69
C LYS A 265 -7.92 -11.82 18.05
N TYR A 266 -7.80 -10.92 17.08
CA TYR A 266 -8.16 -9.53 17.31
C TYR A 266 -8.74 -8.93 16.07
N THR A 267 -9.55 -7.90 16.25
CA THR A 267 -10.09 -7.15 15.12
C THR A 267 -9.21 -5.93 14.94
N PRO A 268 -9.05 -5.47 13.71
CA PRO A 268 -8.28 -4.24 13.52
C PRO A 268 -8.62 -3.11 14.54
N HIS A 269 -9.91 -2.94 14.83
CA HIS A 269 -10.40 -1.94 15.78
C HIS A 269 -9.76 -2.12 17.16
N GLN A 270 -9.82 -3.34 17.65
CA GLN A 270 -9.15 -3.68 18.90
C GLN A 270 -7.66 -3.33 18.89
N LEU A 271 -6.97 -3.65 17.82
CA LEU A 271 -5.55 -3.34 17.77
C LEU A 271 -5.33 -1.82 17.73
N LEU A 272 -6.27 -1.10 17.14
CA LEU A 272 -6.12 0.33 17.07
C LEU A 272 -6.48 1.03 18.38
N PHE A 273 -7.60 0.64 18.99
CA PHE A 273 -8.12 1.36 20.15
C PHE A 273 -7.91 0.67 21.48
N GLY A 274 -7.67 -0.64 21.47
CA GLY A 274 -7.65 -1.39 22.72
C GLY A 274 -9.01 -1.64 23.36
N ILE A 275 -10.09 -1.12 22.77
CA ILE A 275 -11.45 -1.41 23.27
C ILE A 275 -12.48 -1.34 22.15
N ASP A 276 -13.44 -2.25 22.13
CA ASP A 276 -14.53 -2.20 21.16
C ASP A 276 -15.39 -0.97 21.35
N SER A 277 -15.96 -0.44 20.29
CA SER A 277 -16.95 0.60 20.45
C SER A 277 -18.31 -0.06 20.57
N ASN A 278 -19.38 0.72 20.39
CA ASN A 278 -20.74 0.21 20.55
C ASN A 278 -21.20 -0.49 19.26
N THR A 279 -20.61 -1.64 19.02
CA THR A 279 -20.94 -2.40 17.83
C THR A 279 -21.38 -3.79 18.26
N PRO A 280 -22.12 -4.50 17.41
CA PRO A 280 -22.69 -5.78 17.83
C PRO A 280 -21.65 -6.77 18.36
N PHE A 281 -22.00 -7.51 19.40
CA PHE A 281 -21.09 -8.45 20.02
C PHE A 281 -19.78 -7.84 20.50
N ALA A 282 -19.81 -6.57 20.93
CA ALA A 282 -18.62 -5.91 21.52
C ALA A 282 -18.02 -6.74 22.65
N ASN A 283 -16.70 -6.66 22.80
CA ASN A 283 -15.99 -7.45 23.78
C ASN A 283 -15.96 -6.74 25.12
N GLN A 284 -16.23 -7.47 26.20
CA GLN A 284 -16.38 -6.84 27.51
C GLN A 284 -15.26 -7.18 28.52
N ASP A 285 -14.24 -7.91 28.07
CA ASP A 285 -13.19 -8.38 28.97
C ASP A 285 -12.45 -7.31 29.78
N THR A 286 -12.42 -6.05 29.36
CA THR A 286 -11.64 -5.07 30.12
C THR A 286 -12.52 -4.04 30.80
N LEU A 287 -13.76 -4.41 31.01
CA LEU A 287 -14.73 -3.54 31.61
C LEU A 287 -14.30 -3.02 33.00
N ASP A 288 -13.56 -3.84 33.75
CA ASP A 288 -13.10 -3.49 35.11
C ASP A 288 -11.71 -2.88 35.21
N LEU A 289 -10.94 -2.88 34.14
CA LEU A 289 -9.65 -2.20 34.14
C LEU A 289 -9.85 -0.73 33.86
N THR A 290 -8.98 0.11 34.40
CA THR A 290 -8.99 1.50 34.01
C THR A 290 -8.46 1.62 32.58
N ARG A 291 -8.66 2.78 31.99
CA ARG A 291 -8.17 3.03 30.66
C ARG A 291 -6.67 2.84 30.63
N GLU A 292 -6.00 3.31 31.68
CA GLU A 292 -4.54 3.20 31.80
C GLU A 292 -4.12 1.74 31.82
N GLU A 293 -4.85 0.92 32.57
CA GLU A 293 -4.57 -0.51 32.60
C GLU A 293 -4.83 -1.17 31.25
N GLU A 294 -5.91 -0.74 30.61
CA GLU A 294 -6.30 -1.19 29.28
C GLU A 294 -5.26 -0.86 28.21
N LEU A 295 -4.74 0.36 28.23
CA LEU A 295 -3.70 0.79 27.30
C LEU A 295 -2.39 0.07 27.51
N SER A 296 -2.18 -0.38 28.73
CA SER A 296 -0.98 -1.09 29.11
C SER A 296 -1.05 -2.52 28.56
N LEU A 297 -2.20 -3.16 28.71
CA LEU A 297 -2.41 -4.49 28.17
C LEU A 297 -2.42 -4.45 26.65
N LEU A 298 -2.96 -3.38 26.06
CA LEU A 298 -2.89 -3.20 24.61
C LEU A 298 -1.45 -3.21 24.08
N GLN A 299 -0.56 -2.48 24.74
CA GLN A 299 0.86 -2.47 24.33
C GLN A 299 1.47 -3.84 24.36
N GLU A 300 1.04 -4.65 25.32
CA GLU A 300 1.54 -6.01 25.42
C GLU A 300 1.06 -6.86 24.24
N ILE A 301 -0.26 -6.87 23.99
CA ILE A 301 -0.85 -7.54 22.83
C ILE A 301 -0.18 -7.13 21.50
N ARG A 302 0.11 -5.84 21.34
CA ARG A 302 0.64 -5.34 20.09
C ARG A 302 2.04 -5.86 19.76
N THR A 303 2.81 -6.20 20.80
CA THR A 303 4.18 -6.66 20.58
C THR A 303 4.28 -8.18 20.41
N SER A 304 3.25 -8.90 20.82
CA SER A 304 3.29 -10.36 20.82
C SER A 304 2.39 -10.98 19.76
N LEU A 305 2.18 -10.31 18.63
CA LEU A 305 1.34 -10.89 17.59
C LEU A 305 2.15 -11.87 16.76
N TYR A 306 1.46 -12.88 16.25
CA TYR A 306 2.04 -13.88 15.36
C TYR A 306 2.85 -13.26 14.25
N HIS A 307 4.06 -13.74 14.04
CA HIS A 307 4.79 -13.34 12.84
C HIS A 307 5.22 -14.52 11.94
N PRO A 308 4.72 -14.54 10.68
CA PRO A 308 5.03 -15.67 9.79
C PRO A 308 6.50 -15.66 9.37
N SER A 309 7.07 -16.84 9.19
CA SER A 309 8.47 -16.90 8.75
C SER A 309 8.57 -17.32 7.28
N THR A 310 9.56 -16.75 6.61
CA THR A 310 9.87 -17.00 5.21
C THR A 310 9.90 -18.51 4.89
N PRO A 311 9.17 -18.96 3.84
CA PRO A 311 9.00 -20.39 3.50
C PRO A 311 10.23 -21.02 2.87
N PRO A 312 10.25 -22.36 2.75
CA PRO A 312 11.42 -22.97 2.09
C PRO A 312 11.58 -22.57 0.59
N ALA A 313 12.83 -22.52 0.13
CA ALA A 313 13.17 -22.19 -1.24
C ALA A 313 12.73 -23.30 -2.16
N SER A 314 12.25 -22.97 -3.35
CA SER A 314 11.99 -24.01 -4.34
C SER A 314 13.34 -24.61 -4.81
N SER A 315 13.33 -25.82 -5.34
CA SER A 315 14.62 -26.49 -5.65
C SER A 315 15.42 -25.83 -6.78
N ARG A 316 14.78 -24.97 -7.55
CA ARG A 316 15.46 -24.35 -8.67
C ARG A 316 15.31 -22.82 -8.69
N SER A 317 15.45 -22.24 -7.51
CA SER A 317 15.50 -20.80 -7.35
C SER A 317 16.89 -20.27 -7.71
N TRP A 318 16.96 -18.97 -8.00
CA TRP A 318 18.21 -18.33 -8.32
C TRP A 318 18.35 -17.12 -7.43
N SER A 319 19.58 -16.68 -7.24
CA SER A 319 19.78 -15.52 -6.41
C SER A 319 20.72 -14.55 -7.08
N PRO A 320 20.31 -13.28 -7.11
CA PRO A 320 21.03 -12.18 -7.73
C PRO A 320 22.38 -11.97 -7.04
N VAL A 321 23.40 -11.82 -7.87
CA VAL A 321 24.76 -11.51 -7.43
C VAL A 321 25.12 -10.18 -8.11
N VAL A 322 25.91 -9.34 -7.43
CA VAL A 322 26.41 -8.12 -8.06
C VAL A 322 27.23 -8.44 -9.32
N GLY A 323 26.95 -7.70 -10.41
CA GLY A 323 27.73 -7.82 -11.63
C GLY A 323 27.11 -8.74 -12.68
N GLN A 324 26.10 -9.50 -12.24
CA GLN A 324 25.36 -10.48 -13.06
C GLN A 324 24.42 -9.86 -14.09
N LEU A 325 24.32 -10.53 -15.24
CA LEU A 325 23.45 -10.13 -16.31
C LEU A 325 22.07 -10.70 -16.04
N VAL A 326 21.07 -9.83 -16.05
CA VAL A 326 19.70 -10.18 -15.69
C VAL A 326 18.78 -9.38 -16.61
N GLN A 327 17.52 -9.82 -16.74
CA GLN A 327 16.65 -9.13 -17.67
C GLN A 327 15.35 -8.78 -17.01
N GLU A 328 14.96 -7.53 -17.16
CA GLU A 328 13.70 -7.04 -16.61
C GLU A 328 12.55 -7.59 -17.43
N ARG A 329 11.46 -7.93 -16.77
CA ARG A 329 10.26 -8.36 -17.43
C ARG A 329 9.59 -7.15 -18.09
N VAL A 330 9.15 -7.30 -19.33
CA VAL A 330 8.42 -6.22 -19.99
C VAL A 330 7.02 -6.15 -19.37
N ALA A 331 6.54 -4.94 -19.12
CA ALA A 331 5.38 -4.76 -18.25
C ALA A 331 4.04 -5.01 -18.95
N ARG A 332 3.93 -4.49 -20.16
CA ARG A 332 2.69 -4.59 -20.90
C ARG A 332 3.10 -4.93 -22.33
N PRO A 333 3.49 -6.20 -22.55
CA PRO A 333 4.02 -6.62 -23.84
C PRO A 333 2.92 -6.59 -24.84
N ALA A 334 3.18 -5.97 -25.99
CA ALA A 334 2.23 -6.00 -27.09
C ALA A 334 2.16 -7.40 -27.76
N SER A 335 1.15 -7.61 -28.58
CA SER A 335 1.02 -8.89 -29.24
C SER A 335 2.24 -9.18 -30.11
N LEU A 336 2.69 -10.43 -30.06
CA LEU A 336 3.88 -10.86 -30.80
C LEU A 336 5.16 -10.05 -30.52
N ARG A 337 5.28 -9.50 -29.31
CA ARG A 337 6.52 -8.80 -28.91
C ARG A 337 7.22 -9.51 -27.72
N PRO A 338 8.55 -9.41 -27.64
CA PRO A 338 9.17 -10.19 -26.54
C PRO A 338 8.64 -9.82 -25.15
N ARG A 339 8.70 -10.77 -24.22
CA ARG A 339 8.24 -10.52 -22.86
C ARG A 339 9.36 -10.00 -21.97
N TRP A 340 10.58 -10.03 -22.47
CA TRP A 340 11.75 -9.55 -21.69
C TRP A 340 12.53 -8.47 -22.37
N HIS A 341 12.95 -7.46 -21.61
CA HIS A 341 13.90 -6.47 -22.08
C HIS A 341 15.29 -7.07 -22.30
N LYS A 342 16.12 -6.31 -23.03
CA LYS A 342 17.56 -6.59 -23.19
C LYS A 342 18.26 -6.78 -21.86
N PRO A 343 19.39 -7.50 -21.86
CA PRO A 343 20.11 -7.77 -20.62
C PRO A 343 20.63 -6.51 -19.92
N SER A 344 20.82 -6.63 -18.61
CA SER A 344 21.34 -5.53 -17.86
C SER A 344 22.10 -6.05 -16.66
N THR A 345 22.65 -5.16 -15.86
CA THR A 345 23.63 -5.54 -14.85
C THR A 345 23.18 -5.16 -13.44
N VAL A 346 23.35 -6.12 -12.54
CA VAL A 346 23.07 -5.92 -11.13
C VAL A 346 24.17 -5.05 -10.55
N LEU A 347 23.83 -3.80 -10.20
CA LEU A 347 24.67 -2.90 -9.40
C LEU A 347 24.71 -3.25 -7.91
N LYS A 348 23.55 -3.15 -7.25
CA LYS A 348 23.46 -3.43 -5.81
C LYS A 348 22.38 -4.48 -5.55
N VAL A 349 22.62 -5.32 -4.53
CA VAL A 349 21.61 -6.25 -4.02
C VAL A 349 21.08 -5.73 -2.67
N LEU A 350 20.08 -4.84 -2.75
CA LEU A 350 19.41 -4.27 -1.57
C LEU A 350 19.00 -5.33 -0.53
N ASN A 351 18.44 -6.44 -1.01
CA ASN A 351 18.18 -7.65 -0.19
C ASN A 351 17.91 -8.81 -1.14
N PRO A 352 17.71 -10.03 -0.62
CA PRO A 352 17.69 -11.16 -1.53
C PRO A 352 16.52 -11.14 -2.53
N ARG A 353 15.63 -10.15 -2.42
CA ARG A 353 14.47 -10.10 -3.29
C ARG A 353 14.36 -8.81 -4.09
N THR A 354 15.30 -7.89 -3.87
CA THR A 354 15.23 -6.58 -4.52
C THR A 354 16.60 -6.19 -5.03
N VAL A 355 16.69 -5.72 -6.27
CA VAL A 355 18.00 -5.30 -6.80
C VAL A 355 17.96 -3.96 -7.54
N VAL A 356 19.13 -3.31 -7.64
CA VAL A 356 19.27 -2.15 -8.52
C VAL A 356 19.98 -2.59 -9.78
N ILE A 357 19.42 -2.22 -10.92
CA ILE A 357 20.00 -2.62 -12.19
C ILE A 357 20.37 -1.41 -13.03
N LEU A 358 21.45 -1.57 -13.80
CA LEU A 358 21.84 -0.62 -14.84
C LEU A 358 21.41 -1.18 -16.19
N ASP A 359 20.51 -0.46 -16.87
CA ASP A 359 19.66 -1.10 -17.89
C ASP A 359 20.21 -1.31 -19.31
N HIS A 360 21.35 -0.67 -19.61
CA HIS A 360 21.89 -0.50 -21.01
C HIS A 360 21.73 0.94 -21.57
N LEU A 361 20.70 1.66 -21.12
CA LEU A 361 20.42 3.04 -21.58
C LEU A 361 21.41 4.14 -21.14
N GLY A 362 21.97 4.12 -19.93
CA GLY A 362 21.73 3.15 -18.86
C GLY A 362 21.24 3.82 -17.59
N ASN A 363 20.00 3.52 -17.22
CA ASN A 363 19.44 4.05 -15.98
C ASN A 363 19.54 3.09 -14.82
N ASN A 364 19.37 3.64 -13.62
CA ASN A 364 19.30 2.84 -12.42
C ASN A 364 17.85 2.57 -12.17
N ARG A 365 17.51 1.30 -12.00
CA ARG A 365 16.14 0.88 -11.82
C ARG A 365 16.10 -0.04 -10.62
N THR A 366 15.24 0.29 -9.65
CA THR A 366 15.03 -0.58 -8.49
C THR A 366 13.89 -1.54 -8.79
N VAL A 367 14.18 -2.81 -8.63
CA VAL A 367 13.39 -3.80 -9.27
C VAL A 367 13.26 -5.07 -8.40
N SER A 368 12.12 -5.74 -8.54
CA SER A 368 11.79 -6.97 -7.83
C SER A 368 12.38 -8.20 -8.49
N ILE A 369 12.93 -9.11 -7.70
CA ILE A 369 13.55 -10.29 -8.28
C ILE A 369 12.53 -11.07 -9.14
N ASP A 370 11.25 -11.01 -8.78
CA ASP A 370 10.14 -11.67 -9.49
C ASP A 370 9.96 -11.13 -10.90
N ASN A 371 10.35 -9.87 -11.14
CA ASN A 371 10.37 -9.34 -12.50
C ASN A 371 11.74 -9.46 -13.20
N LEU A 372 12.63 -10.27 -12.62
CA LEU A 372 13.86 -10.59 -13.30
C LEU A 372 13.99 -12.07 -13.64
N LYS A 373 14.73 -12.34 -14.72
CA LYS A 373 15.33 -13.63 -14.94
C LYS A 373 16.84 -13.43 -15.18
N PRO A 374 17.65 -14.40 -14.75
CA PRO A 374 19.07 -14.36 -15.02
C PRO A 374 19.36 -14.77 -16.46
N THR A 375 20.04 -13.91 -17.21
CA THR A 375 20.39 -14.20 -18.60
C THR A 375 21.15 -15.53 -18.75
N SER A 376 20.58 -16.42 -19.54
CA SER A 376 21.14 -17.76 -19.76
C SER A 376 22.48 -17.81 -20.52
N HIS A 377 23.21 -18.91 -20.30
CA HIS A 377 24.46 -19.17 -21.03
C HIS A 377 25.53 -18.07 -20.78
N GLN A 378 25.57 -17.54 -19.55
CA GLN A 378 26.33 -16.33 -19.21
C GLN A 378 26.31 -15.24 -20.31
N ASP B 119 -19.24 0.41 40.10
CA ASP B 119 -19.17 1.27 38.87
C ASP B 119 -17.89 1.02 38.06
N ARG B 120 -18.04 1.04 36.73
CA ARG B 120 -16.93 0.77 35.81
C ARG B 120 -16.17 2.08 35.51
N PRO B 121 -14.84 1.99 35.32
CA PRO B 121 -14.09 3.17 34.92
C PRO B 121 -14.50 3.69 33.54
N GLN B 122 -14.47 5.00 33.36
CA GLN B 122 -14.92 5.62 32.13
C GLN B 122 -14.00 5.27 30.96
N LYS B 123 -14.57 5.13 29.76
CA LYS B 123 -13.84 4.63 28.60
C LYS B 123 -14.13 5.42 27.35
N PRO B 124 -13.23 5.31 26.36
CA PRO B 124 -13.56 5.83 25.04
C PRO B 124 -14.87 5.22 24.55
N PHE B 125 -15.58 6.00 23.75
CA PHE B 125 -16.84 5.59 23.12
C PHE B 125 -17.99 5.40 24.10
N ASP B 126 -17.77 5.77 25.35
CA ASP B 126 -18.84 5.73 26.36
C ASP B 126 -19.84 6.86 26.13
N LYS B 127 -19.33 8.02 25.75
CA LYS B 127 -20.17 9.19 25.58
C LYS B 127 -19.53 10.16 24.60
N PHE B 128 -20.27 10.52 23.54
CA PHE B 128 -19.81 11.56 22.63
C PHE B 128 -20.63 12.82 22.91
N PHE B 129 -19.97 13.97 22.99
CA PHE B 129 -20.65 15.21 23.26
C PHE B 129 -20.65 15.97 21.96
N ILE B 130 -21.84 16.30 21.46
CA ILE B 130 -21.97 16.94 20.15
C ILE B 130 -22.60 18.32 20.29
N ASP B 131 -22.28 19.20 19.36
CA ASP B 131 -22.78 20.55 19.41
C ASP B 131 -22.43 21.29 18.14
N TYR B 132 -23.19 22.34 17.83
CA TYR B 132 -22.90 23.15 16.64
C TYR B 132 -22.23 24.47 16.95
N ILE B 133 -21.41 24.94 16.01
CA ILE B 133 -20.80 26.24 16.08
C ILE B 133 -21.12 26.90 14.75
N GLY B 134 -21.69 28.11 14.79
CA GLY B 134 -22.01 28.89 13.61
C GLY B 134 -23.22 29.77 13.88
N PRO B 135 -23.67 30.54 12.87
CA PRO B 135 -23.18 30.59 11.49
C PRO B 135 -21.81 31.18 11.46
N LEU B 136 -20.98 30.73 10.53
CA LEU B 136 -19.65 31.31 10.36
C LEU B 136 -19.57 32.00 9.00
N PRO B 137 -18.52 32.83 8.80
CA PRO B 137 -18.32 33.34 7.45
C PRO B 137 -18.24 32.17 6.48
N PRO B 138 -19.04 32.19 5.39
CA PRO B 138 -19.07 31.08 4.43
C PRO B 138 -17.68 30.66 4.02
N SER B 139 -17.35 29.39 4.23
CA SER B 139 -16.12 28.81 3.67
C SER B 139 -16.49 27.63 2.80
N GLN B 140 -16.23 27.73 1.49
CA GLN B 140 -16.59 26.70 0.51
C GLN B 140 -18.05 26.29 0.66
N GLY B 141 -18.93 27.25 0.89
CA GLY B 141 -20.37 26.98 1.00
C GLY B 141 -20.74 26.23 2.25
N TYR B 142 -19.88 26.30 3.26
CA TYR B 142 -20.18 25.74 4.58
C TYR B 142 -20.27 26.86 5.60
N LEU B 143 -21.15 26.68 6.60
CA LEU B 143 -21.46 27.72 7.57
C LEU B 143 -21.32 27.29 9.05
N TYR B 144 -21.41 26.00 9.29
CA TYR B 144 -21.37 25.49 10.64
C TYR B 144 -20.26 24.46 10.84
N VAL B 145 -19.93 24.17 12.10
CA VAL B 145 -19.06 23.05 12.42
C VAL B 145 -19.75 22.19 13.45
N LEU B 146 -19.95 20.92 13.14
CA LEU B 146 -20.43 20.00 14.14
C LEU B 146 -19.23 19.54 14.95
N VAL B 147 -19.31 19.72 16.27
CA VAL B 147 -18.20 19.38 17.14
C VAL B 147 -18.56 18.09 17.83
N VAL B 148 -17.66 17.10 17.76
CA VAL B 148 -17.90 15.85 18.47
C VAL B 148 -16.70 15.61 19.37
N VAL B 149 -16.96 15.40 20.66
CA VAL B 149 -15.91 15.23 21.63
C VAL B 149 -16.15 13.99 22.44
N ASP B 150 -15.16 13.10 22.46
CA ASP B 150 -15.27 11.92 23.30
C ASP B 150 -15.05 12.31 24.78
N GLY B 151 -15.92 11.85 25.66
CA GLY B 151 -15.89 12.26 27.06
C GLY B 151 -14.61 11.85 27.75
N MET B 152 -14.34 10.53 27.73
CA MET B 152 -13.22 9.98 28.44
C MET B 152 -11.88 10.48 27.95
N THR B 153 -11.67 10.52 26.63
CA THR B 153 -10.35 10.85 26.09
C THR B 153 -10.21 12.32 25.83
N GLY B 154 -11.33 12.98 25.62
CA GLY B 154 -11.29 14.36 25.17
C GLY B 154 -10.93 14.54 23.71
N PHE B 155 -10.91 13.43 22.95
CA PHE B 155 -10.68 13.46 21.51
C PHE B 155 -11.76 14.25 20.78
N THR B 156 -11.36 14.98 19.76
CA THR B 156 -12.29 15.82 18.99
C THR B 156 -12.38 15.46 17.50
N TRP B 157 -13.59 15.39 17.01
CA TRP B 157 -13.86 15.24 15.60
C TRP B 157 -14.67 16.45 15.16
N LEU B 158 -14.24 17.10 14.09
CA LEU B 158 -14.98 18.21 13.50
C LEU B 158 -15.56 17.93 12.09
N TYR B 159 -16.82 18.29 11.86
CA TYR B 159 -17.45 18.16 10.53
C TYR B 159 -18.13 19.45 10.16
N PRO B 160 -17.74 20.03 9.01
CA PRO B 160 -18.37 21.23 8.44
C PRO B 160 -19.74 20.90 7.87
N THR B 161 -20.75 21.69 8.19
CA THR B 161 -22.07 21.52 7.57
C THR B 161 -22.55 22.81 6.94
N LYS B 162 -23.65 22.72 6.17
CA LYS B 162 -24.28 23.93 5.61
C LYS B 162 -25.39 24.43 6.54
N ALA B 163 -25.77 23.60 7.52
CA ALA B 163 -26.92 23.89 8.38
C ALA B 163 -26.95 23.03 9.66
N PRO B 164 -27.44 23.60 10.76
CA PRO B 164 -27.63 22.84 11.98
C PRO B 164 -28.91 22.01 11.94
N SER B 165 -29.09 21.25 10.85
CA SER B 165 -30.33 20.47 10.67
C SER B 165 -30.08 19.03 11.02
N THR B 166 -31.17 18.31 11.31
CA THR B 166 -31.06 16.87 11.57
C THR B 166 -30.34 16.17 10.44
N SER B 167 -30.63 16.61 9.23
CA SER B 167 -30.11 16.03 8.00
C SER B 167 -28.59 16.15 7.94
N ALA B 168 -28.04 17.33 8.22
CA ALA B 168 -26.59 17.52 8.15
C ALA B 168 -25.88 16.77 9.30
N THR B 169 -26.57 16.69 10.44
CA THR B 169 -26.06 15.99 11.61
C THR B 169 -25.95 14.53 11.22
N VAL B 170 -27.04 14.00 10.66
CA VAL B 170 -27.10 12.62 10.20
C VAL B 170 -26.03 12.27 9.13
N LYS B 171 -25.82 13.12 8.13
CA LYS B 171 -24.74 12.86 7.16
C LYS B 171 -23.41 12.78 7.87
N SER B 172 -23.15 13.73 8.77
CA SER B 172 -21.80 13.85 9.36
C SER B 172 -21.50 12.72 10.35
N LEU B 173 -22.46 12.44 11.24
CA LEU B 173 -22.27 11.38 12.19
C LEU B 173 -22.19 10.03 11.49
N ASN B 174 -22.94 9.89 10.40
CA ASN B 174 -22.82 8.69 9.56
C ASN B 174 -21.40 8.39 9.19
N VAL B 175 -20.64 9.43 8.81
CA VAL B 175 -19.20 9.29 8.57
C VAL B 175 -18.46 8.83 9.86
N LEU B 176 -18.64 9.54 10.97
CA LEU B 176 -17.95 9.18 12.20
C LEU B 176 -18.28 7.77 12.70
N THR B 177 -19.57 7.42 12.72
CA THR B 177 -20.00 6.13 13.25
C THR B 177 -19.65 4.98 12.32
N SER B 178 -19.10 5.30 11.15
CA SER B 178 -18.51 4.26 10.31
C SER B 178 -17.06 4.01 10.78
N ILE B 179 -16.61 4.79 11.77
CA ILE B 179 -15.32 4.60 12.40
C ILE B 179 -15.48 4.08 13.83
N ALA B 180 -16.23 4.79 14.66
CA ALA B 180 -16.57 4.24 15.98
C ALA B 180 -17.96 4.64 16.40
N ILE B 181 -18.65 3.77 17.13
CA ILE B 181 -20.00 4.07 17.59
C ILE B 181 -20.04 4.30 19.10
N PRO B 182 -20.55 5.47 19.54
CA PRO B 182 -20.67 5.78 20.97
C PRO B 182 -21.82 5.01 21.60
N LYS B 183 -21.71 4.72 22.90
CA LYS B 183 -22.84 4.10 23.62
C LYS B 183 -23.94 5.11 23.84
N VAL B 184 -23.55 6.38 23.98
CA VAL B 184 -24.43 7.50 24.34
C VAL B 184 -23.92 8.77 23.65
N ILE B 185 -24.86 9.49 23.04
CA ILE B 185 -24.57 10.83 22.57
C ILE B 185 -25.29 11.83 23.48
N HIS B 186 -24.57 12.91 23.81
CA HIS B 186 -25.07 13.95 24.69
C HIS B 186 -25.09 15.27 23.95
N SER B 187 -26.22 15.95 23.97
CA SER B 187 -26.31 17.28 23.41
C SER B 187 -27.20 18.16 24.26
N ASP B 188 -27.21 19.45 23.92
CA ASP B 188 -28.23 20.34 24.42
C ASP B 188 -29.53 20.07 23.63
N GLN B 189 -30.54 20.91 23.80
CA GLN B 189 -31.81 20.59 23.19
C GLN B 189 -32.00 21.34 21.87
N GLY B 190 -30.90 21.48 21.13
CA GLY B 190 -30.95 21.96 19.74
C GLY B 190 -32.01 21.25 18.91
N ALA B 191 -32.58 21.98 17.96
CA ALA B 191 -33.64 21.48 17.12
C ALA B 191 -33.18 20.22 16.36
N ALA B 192 -31.97 20.29 15.80
CA ALA B 192 -31.37 19.16 15.10
C ALA B 192 -31.34 17.89 15.91
N PHE B 193 -31.17 18.00 17.23
CA PHE B 193 -30.91 16.82 18.07
C PHE B 193 -32.16 16.27 18.74
N THR B 194 -33.20 17.10 18.79
CA THR B 194 -34.42 16.67 19.49
C THR B 194 -35.46 16.17 18.51
N SER B 195 -35.12 16.20 17.22
CA SER B 195 -36.04 15.81 16.15
C SER B 195 -36.33 14.33 16.24
N SER B 196 -37.52 13.91 15.81
CA SER B 196 -37.83 12.48 15.87
C SER B 196 -37.02 11.66 14.84
N THR B 197 -36.60 12.31 13.77
CA THR B 197 -35.76 11.68 12.76
C THR B 197 -34.42 11.30 13.41
N PHE B 198 -33.79 12.26 14.07
CA PHE B 198 -32.54 11.98 14.78
C PHE B 198 -32.69 10.89 15.83
N ALA B 199 -33.85 10.83 16.47
CA ALA B 199 -34.08 9.77 17.46
C ALA B 199 -34.19 8.39 16.81
N GLU B 200 -34.88 8.30 15.67
CA GLU B 200 -34.98 7.05 14.92
C GLU B 200 -33.56 6.62 14.50
N TRP B 201 -32.77 7.59 14.02
CA TRP B 201 -31.38 7.35 13.61
C TRP B 201 -30.54 6.74 14.72
N ALA B 202 -30.63 7.33 15.90
CA ALA B 202 -29.87 6.84 17.03
C ALA B 202 -30.34 5.44 17.44
N LYS B 203 -31.66 5.22 17.35
CA LYS B 203 -32.23 3.95 17.79
C LYS B 203 -31.75 2.81 16.88
N GLU B 204 -31.72 3.07 15.56
CA GLU B 204 -31.21 2.13 14.57
C GLU B 204 -29.81 1.66 14.94
N ARG B 205 -29.00 2.61 15.39
CA ARG B 205 -27.61 2.35 15.69
C ARG B 205 -27.35 1.86 17.12
N GLY B 206 -28.41 1.75 17.93
CA GLY B 206 -28.28 1.33 19.33
C GLY B 206 -27.54 2.35 20.18
N ILE B 207 -27.73 3.63 19.87
CA ILE B 207 -27.12 4.73 20.62
C ILE B 207 -28.17 5.36 21.50
N HIS B 208 -27.95 5.40 22.81
CA HIS B 208 -28.88 6.09 23.70
C HIS B 208 -28.61 7.59 23.64
N LEU B 209 -29.68 8.38 23.57
CA LEU B 209 -29.60 9.86 23.48
C LEU B 209 -29.85 10.55 24.81
N GLU B 210 -29.07 11.59 25.07
CA GLU B 210 -29.07 12.24 26.37
C GLU B 210 -29.04 13.73 26.21
N PHE B 211 -30.03 14.39 26.79
CA PHE B 211 -30.15 15.82 26.69
C PHE B 211 -29.96 16.51 28.04
N SER B 212 -29.11 17.53 28.06
CA SER B 212 -29.06 18.43 29.21
C SER B 212 -30.35 19.26 29.23
N THR B 213 -30.80 19.71 30.39
CA THR B 213 -32.03 20.51 30.51
C THR B 213 -31.85 21.91 29.89
N PRO B 214 -32.94 22.51 29.36
CA PRO B 214 -32.82 23.80 28.67
C PRO B 214 -32.34 24.91 29.58
N TYR B 215 -31.35 25.65 29.09
CA TYR B 215 -30.85 26.89 29.70
C TYR B 215 -29.71 26.75 30.73
N HIS B 216 -29.28 25.52 31.04
CA HIS B 216 -28.04 25.34 31.81
C HIS B 216 -27.27 24.12 31.33
N GLY B 221 -15.81 19.12 33.76
CA GLY B 221 -15.25 20.34 33.18
C GLY B 221 -14.37 20.03 31.97
N LYS B 222 -14.00 18.75 31.81
CA LYS B 222 -13.08 18.29 30.76
C LYS B 222 -13.54 18.66 29.35
N VAL B 223 -14.76 18.24 29.04
CA VAL B 223 -15.46 18.56 27.80
C VAL B 223 -15.64 20.06 27.62
N GLU B 224 -16.03 20.75 28.68
CA GLU B 224 -16.41 22.15 28.60
C GLU B 224 -15.19 23.01 28.27
N ARG B 225 -14.06 22.67 28.88
CA ARG B 225 -12.79 23.34 28.59
C ARG B 225 -12.33 23.09 27.13
N LYS B 226 -12.50 21.85 26.69
CA LYS B 226 -12.25 21.45 25.31
C LYS B 226 -13.07 22.31 24.35
N ASN B 227 -14.40 22.31 24.52
CA ASN B 227 -15.31 23.09 23.68
C ASN B 227 -14.93 24.57 23.59
N SER B 228 -14.49 25.11 24.72
CA SER B 228 -14.06 26.50 24.84
C SER B 228 -12.80 26.73 24.02
N ASP B 229 -11.85 25.80 24.09
CA ASP B 229 -10.62 25.89 23.32
C ASP B 229 -10.94 25.95 21.83
N ILE B 230 -11.81 25.05 21.38
CA ILE B 230 -12.22 24.97 19.98
C ILE B 230 -12.68 26.33 19.49
N LYS B 231 -13.65 26.92 20.19
CA LYS B 231 -14.13 28.28 19.82
C LYS B 231 -12.98 29.28 19.82
N ARG B 232 -12.22 29.32 20.91
CA ARG B 232 -11.10 30.25 21.01
C ARG B 232 -10.05 30.02 19.93
N LEU B 233 -9.83 28.76 19.56
CA LEU B 233 -8.81 28.46 18.57
C LEU B 233 -9.27 28.83 17.16
N LEU B 234 -10.54 28.54 16.86
CA LEU B 234 -11.12 28.97 15.59
C LEU B 234 -11.02 30.48 15.47
N THR B 235 -11.59 31.17 16.46
CA THR B 235 -11.66 32.64 16.49
C THR B 235 -10.30 33.23 16.18
N LYS B 236 -9.26 32.62 16.72
CA LYS B 236 -7.91 33.10 16.50
C LYS B 236 -7.50 32.96 15.04
N LEU B 237 -7.88 31.87 14.40
CA LEU B 237 -7.37 31.61 13.04
C LEU B 237 -8.23 32.16 11.89
N LEU B 238 -9.53 32.36 12.17
CA LEU B 238 -10.43 33.00 11.21
C LEU B 238 -10.42 34.57 11.26
N VAL B 239 -9.27 35.14 11.63
CA VAL B 239 -9.04 36.59 11.47
C VAL B 239 -7.83 36.78 10.57
N GLY B 240 -7.91 37.79 9.69
CA GLY B 240 -7.00 37.90 8.56
C GLY B 240 -7.39 36.96 7.41
N ARG B 241 -8.18 35.94 7.73
CA ARG B 241 -8.66 34.96 6.75
C ARG B 241 -9.97 34.27 7.21
N PRO B 242 -11.06 35.06 7.42
CA PRO B 242 -12.34 34.54 7.94
C PRO B 242 -13.06 33.56 7.00
N THR B 243 -12.39 33.19 5.92
CA THR B 243 -13.02 32.52 4.82
C THR B 243 -12.29 31.22 4.45
N LYS B 244 -11.10 31.04 5.01
CA LYS B 244 -10.29 29.87 4.70
C LYS B 244 -10.32 28.80 5.82
N TRP B 245 -11.38 28.77 6.63
CA TRP B 245 -11.43 27.81 7.74
C TRP B 245 -11.70 26.35 7.36
N TYR B 246 -12.44 26.13 6.27
CA TYR B 246 -12.71 24.78 5.80
C TYR B 246 -11.40 23.99 5.62
N ASP B 247 -10.40 24.62 5.00
CA ASP B 247 -9.11 24.00 4.75
C ASP B 247 -8.36 23.74 6.03
N LEU B 248 -8.69 24.50 7.08
CA LEU B 248 -7.93 24.45 8.34
C LEU B 248 -8.41 23.39 9.31
N LEU B 249 -9.67 22.96 9.19
CA LEU B 249 -10.22 21.95 10.08
C LEU B 249 -9.28 20.78 10.41
N PRO B 250 -8.56 20.23 9.42
CA PRO B 250 -7.68 19.12 9.82
C PRO B 250 -6.54 19.52 10.81
N VAL B 251 -5.95 20.69 10.62
CA VAL B 251 -4.88 21.10 11.53
C VAL B 251 -5.48 21.53 12.87
N VAL B 252 -6.66 22.13 12.84
CA VAL B 252 -7.34 22.46 14.09
C VAL B 252 -7.47 21.21 14.94
N GLN B 253 -7.99 20.13 14.36
CA GLN B 253 -8.18 18.88 15.09
C GLN B 253 -6.87 18.29 15.62
N LEU B 254 -5.82 18.29 14.80
CA LEU B 254 -4.54 17.74 15.23
C LEU B 254 -4.01 18.49 16.42
N ALA B 255 -4.17 19.81 16.39
CA ALA B 255 -3.80 20.66 17.51
C ALA B 255 -4.59 20.24 18.75
N LEU B 256 -5.91 20.38 18.71
CA LEU B 256 -6.76 19.93 19.81
C LEU B 256 -6.43 18.56 20.37
N ASN B 257 -6.08 17.62 19.49
CA ASN B 257 -5.95 16.24 19.93
C ASN B 257 -4.55 15.87 20.42
N ASN B 258 -3.60 16.77 20.16
CA ASN B 258 -2.23 16.60 20.60
C ASN B 258 -1.83 17.75 21.52
N THR B 259 -2.80 18.19 22.32
CA THR B 259 -2.60 19.24 23.32
C THR B 259 -2.53 18.60 24.70
N TYR B 260 -1.50 18.96 25.45
CA TYR B 260 -1.33 18.47 26.82
C TYR B 260 -2.62 18.72 27.66
N SER B 261 -3.10 17.68 28.36
CA SER B 261 -4.18 17.82 29.36
C SER B 261 -3.65 18.09 30.79
N PRO B 262 -3.93 19.31 31.31
CA PRO B 262 -3.56 19.68 32.70
C PRO B 262 -3.94 18.61 33.73
N VAL B 263 -5.22 18.21 33.73
CA VAL B 263 -5.79 17.23 34.67
C VAL B 263 -5.17 15.82 34.56
N LEU B 264 -5.19 15.23 33.35
CA LEU B 264 -4.51 13.92 33.10
C LEU B 264 -3.08 14.16 32.53
N LYS B 265 -2.19 13.19 32.70
CA LYS B 265 -0.84 13.33 32.14
C LYS B 265 -0.85 13.48 30.61
N TYR B 266 -1.85 12.90 29.95
CA TYR B 266 -1.80 12.61 28.52
C TYR B 266 -2.60 13.53 27.59
N THR B 267 -2.26 13.53 26.30
CA THR B 267 -3.07 14.18 25.28
C THR B 267 -4.24 13.22 24.94
N PRO B 268 -5.27 13.69 24.20
CA PRO B 268 -6.32 12.78 23.74
C PRO B 268 -5.85 11.68 22.79
N HIS B 269 -4.90 12.00 21.91
CA HIS B 269 -4.38 11.03 20.99
C HIS B 269 -3.85 9.87 21.80
N GLN B 270 -2.99 10.22 22.75
CA GLN B 270 -2.37 9.25 23.61
C GLN B 270 -3.38 8.34 24.23
N LEU B 271 -4.44 8.93 24.80
CA LEU B 271 -5.49 8.16 25.45
C LEU B 271 -6.32 7.27 24.51
N LEU B 272 -6.65 7.79 23.33
CA LEU B 272 -7.39 7.01 22.33
C LEU B 272 -6.59 5.84 21.70
N PHE B 273 -5.32 6.06 21.37
CA PHE B 273 -4.52 5.06 20.68
C PHE B 273 -3.46 4.36 21.52
N GLY B 274 -3.16 4.87 22.71
CA GLY B 274 -2.15 4.26 23.56
C GLY B 274 -0.72 4.42 23.05
N ILE B 275 -0.47 5.46 22.26
CA ILE B 275 0.87 5.75 21.77
C ILE B 275 1.14 7.22 21.66
N ASP B 276 2.41 7.58 21.56
CA ASP B 276 2.83 8.92 21.22
C ASP B 276 2.39 9.23 19.80
N SER B 277 2.21 10.51 19.48
CA SER B 277 1.75 10.92 18.17
C SER B 277 2.93 11.36 17.32
N ASN B 278 2.76 11.40 16.00
CA ASN B 278 3.84 11.80 15.11
C ASN B 278 3.86 13.30 14.92
N THR B 279 2.78 13.94 15.37
CA THR B 279 2.72 15.40 15.35
C THR B 279 2.44 15.91 16.77
N PRO B 280 3.52 16.10 17.55
CA PRO B 280 3.36 16.64 18.90
C PRO B 280 3.29 18.16 18.79
N PHE B 281 2.35 18.79 19.48
CA PHE B 281 2.32 20.25 19.47
C PHE B 281 3.02 20.79 20.70
N ALA B 282 4.34 20.95 20.53
CA ALA B 282 5.26 21.42 21.56
C ALA B 282 5.04 22.91 21.75
N ASN B 283 4.80 23.59 20.62
CA ASN B 283 4.35 24.99 20.60
C ASN B 283 2.89 25.17 21.08
N GLN B 284 2.66 24.91 22.36
CA GLN B 284 1.48 25.42 23.02
C GLN B 284 1.55 26.95 22.81
N ASP B 285 0.54 27.48 22.10
CA ASP B 285 0.52 28.87 21.65
C ASP B 285 -0.08 29.81 22.72
N THR B 286 -0.31 31.08 22.35
CA THR B 286 -1.00 32.02 23.25
C THR B 286 -2.51 31.78 23.28
N LEU B 287 -3.10 31.66 22.09
CA LEU B 287 -4.55 31.48 21.93
C LEU B 287 -5.30 32.79 22.19
N ASP B 288 -4.58 33.80 22.67
CA ASP B 288 -5.16 35.12 22.94
C ASP B 288 -4.93 36.05 21.77
N LEU B 289 -5.86 36.98 21.61
CA LEU B 289 -5.81 37.95 20.53
C LEU B 289 -4.80 39.07 20.82
N THR B 290 -3.89 39.32 19.90
CA THR B 290 -2.97 40.46 20.00
C THR B 290 -3.74 41.76 19.71
N ARG B 291 -3.09 42.91 19.90
CA ARG B 291 -3.76 44.21 19.65
C ARG B 291 -4.16 44.43 18.17
N GLU B 292 -3.33 43.92 17.26
CA GLU B 292 -3.63 43.93 15.82
C GLU B 292 -4.90 43.12 15.51
N GLU B 293 -4.91 41.86 15.91
CA GLU B 293 -6.05 40.95 15.74
C GLU B 293 -7.32 41.49 16.39
N GLU B 294 -7.16 42.07 17.58
CA GLU B 294 -8.28 42.67 18.30
C GLU B 294 -8.90 43.81 17.52
N LEU B 295 -8.04 44.71 17.00
CA LEU B 295 -8.49 45.90 16.28
C LEU B 295 -9.17 45.55 14.96
N SER B 296 -8.58 44.61 14.21
CA SER B 296 -9.13 44.21 12.92
C SER B 296 -10.03 42.96 12.96
N LEU B 297 -10.45 42.57 14.16
CA LEU B 297 -11.65 41.70 14.34
C LEU B 297 -12.85 42.59 14.63
N LEU B 298 -12.58 43.76 15.22
CA LEU B 298 -13.58 44.81 15.42
C LEU B 298 -13.94 45.50 14.09
N GLN B 299 -12.95 45.60 13.19
CA GLN B 299 -13.17 46.11 11.81
C GLN B 299 -14.05 45.17 10.96
N GLU B 300 -13.78 43.86 11.01
CA GLU B 300 -14.54 42.84 10.25
C GLU B 300 -16.06 42.88 10.49
N ILE B 301 -16.46 43.23 11.72
CA ILE B 301 -17.88 43.46 12.05
C ILE B 301 -18.21 44.97 12.21
N ARG B 302 -17.68 45.78 11.29
CA ARG B 302 -17.93 47.23 11.27
C ARG B 302 -17.90 47.80 9.85
ZN ZN E . 17.70 -17.75 -31.48
S SO4 F . 14.93 -3.14 -24.55
O1 SO4 F . 13.56 -2.66 -24.34
O2 SO4 F . 15.79 -2.05 -25.03
O3 SO4 F . 15.46 -3.66 -23.27
O4 SO4 F . 14.96 -4.16 -25.59
C1 GOL G . -5.79 15.19 -12.05
O1 GOL G . -6.76 15.77 -11.21
C2 GOL G . -4.69 14.58 -11.17
O2 GOL G . -4.25 15.59 -10.30
C3 GOL G . -3.53 14.02 -12.01
O3 GOL G . -2.89 12.90 -11.41
C1 GOL H . -27.05 4.42 -7.88
O1 GOL H . -26.27 3.34 -7.49
C2 GOL H . -26.37 5.05 -9.07
O2 GOL H . -27.05 6.23 -9.44
C3 GOL H . -26.35 4.11 -10.28
O3 GOL H . -25.55 4.69 -11.29
C1 GOL I . 24.19 -26.49 -43.52
O1 GOL I . 25.51 -26.66 -43.06
C2 GOL I . 23.73 -27.82 -44.08
O2 GOL I . 24.61 -28.11 -45.12
C3 GOL I . 22.32 -27.68 -44.68
O3 GOL I . 21.82 -28.98 -44.86
N NH4 J . 12.05 -5.71 8.30
MG MG K . -2.56 0.04 -7.76
MG MG L . -3.81 -3.15 -6.28
CAA ZZX M . -0.49 1.23 -12.74
CAB ZZX M . 0.08 -7.20 -13.78
CAC ZZX M . -0.87 -2.80 -12.91
OAD ZZX M . 0.83 -5.69 -11.60
OAE ZZX M . -1.74 0.19 -9.54
OAF ZZX M . -3.68 -4.94 -7.49
OAG ZZX M . -2.87 -2.02 -7.84
FAH ZZX M . 0.01 -11.13 -5.60
CLAI ZZX M . -0.90 -8.81 -4.10
CAJ ZZX M . -1.11 -10.63 -7.63
CAK ZZX M . -1.95 -9.77 -8.33
CAL ZZX M . -2.13 -8.35 -6.40
CAM ZZX M . 0.27 0.91 -11.45
CAN ZZX M . -3.39 -7.68 -8.44
CAO ZZX M . 0.76 -1.56 -11.59
NAP ZZX M . -1.96 -6.66 -9.93
NAQ ZZX M . -0.84 -6.78 -12.69
CAR ZZX M . -0.35 -6.02 -11.71
CAS ZZX M . -1.02 -0.73 -9.99
CAT ZZX M . -0.79 -10.33 -6.32
CAU ZZX M . -2.44 -8.64 -7.71
CAV ZZX M . -1.30 -9.19 -5.72
CAW ZZX M . -2.21 -2.69 -8.82
CAX ZZX M . -1.30 -5.66 -10.55
CAY ZZX M . -1.36 -2.08 -9.73
CAZ ZZX M . -2.94 -5.15 -8.44
CBA ZZX M . -2.27 -4.06 -9.03
CBB ZZX M . -1.42 -4.32 -10.11
CBC ZZX M . 0.03 -2.86 -11.68
NBD ZZX M . -0.07 -0.47 -11.02
NBE ZZX M . -2.73 -6.48 -8.97
NBF ZZX M . -0.87 -3.12 -10.55
S SO4 N . -8.36 19.20 31.08
O1 SO4 N . -7.56 19.35 29.87
O2 SO4 N . -7.67 19.89 32.17
O3 SO4 N . -9.68 19.79 30.89
O4 SO4 N . -8.51 17.77 31.41
C1 GOL O . 1.30 6.97 25.67
O1 GOL O . 2.67 6.66 25.51
C2 GOL O . 0.70 6.13 26.81
O2 GOL O . 0.41 4.81 26.41
C3 GOL O . -0.61 6.67 27.38
O3 GOL O . -1.02 5.79 28.41
MG MG P . -25.80 23.80 20.67
#